data_1JAF
#
_entry.id   1JAF
#
_cell.length_a   70.180
_cell.length_b   70.180
_cell.length_c   126.850
_cell.angle_alpha   90.00
_cell.angle_beta   90.00
_cell.angle_gamma   120.00
#
_symmetry.space_group_name_H-M   'P 31 2 1'
#
loop_
_entity.id
_entity.type
_entity.pdbx_description
1 polymer "CYTOCHROME C'"
2 non-polymer 'PROTOPORPHYRIN IX CONTAINING FE'
3 water water
#
_entity_poly.entity_id   1
_entity_poly.type   'polypeptide(L)'
_entity_poly.pdbx_seq_one_letter_code
;QFQKPGDAIEYRQSAFTLIANHFGRVAAMAQGKAPFDAKVAAENIALVSTLSKLPLTAFGPGTDKGHGTEAKPAVWSDAA
GFKAAADKFAAAVDKLDAAGKTGDFAQIKAAVGETGGACKGCHDKFKEK
;
_entity_poly.pdbx_strand_id   A,B
#
# COMPACT_ATOMS: atom_id res chain seq x y z
N GLN A 1 -5.80 -7.90 -11.73
CA GLN A 1 -6.61 -6.70 -12.10
C GLN A 1 -7.80 -6.50 -11.18
N PHE A 2 -8.82 -5.83 -11.67
CA PHE A 2 -10.00 -5.54 -10.88
C PHE A 2 -11.24 -6.17 -11.50
N GLN A 3 -11.81 -7.14 -10.77
CA GLN A 3 -13.00 -7.84 -11.22
C GLN A 3 -14.13 -6.83 -11.42
N LYS A 4 -14.48 -6.10 -10.37
CA LYS A 4 -15.54 -5.10 -10.45
C LYS A 4 -14.91 -3.71 -10.38
N PRO A 5 -15.68 -2.67 -10.75
CA PRO A 5 -15.17 -1.31 -10.71
C PRO A 5 -14.82 -0.91 -9.29
N GLY A 6 -15.70 -1.22 -8.35
CA GLY A 6 -15.47 -0.88 -6.96
C GLY A 6 -14.12 -1.34 -6.45
N ASP A 7 -13.63 -2.45 -6.99
CA ASP A 7 -12.34 -3.01 -6.59
C ASP A 7 -11.24 -2.04 -6.95
N ALA A 8 -11.38 -1.42 -8.12
CA ALA A 8 -10.42 -0.45 -8.59
C ALA A 8 -10.47 0.78 -7.70
N ILE A 9 -11.66 1.25 -7.40
CA ILE A 9 -11.84 2.44 -6.56
C ILE A 9 -11.25 2.24 -5.17
N GLU A 10 -11.55 1.12 -4.54
CA GLU A 10 -10.99 0.86 -3.22
C GLU A 10 -9.48 0.68 -3.26
N TYR A 11 -8.99 0.12 -4.35
CA TYR A 11 -7.56 -0.12 -4.53
C TYR A 11 -6.81 1.20 -4.60
N ARG A 12 -7.27 2.11 -5.46
CA ARG A 12 -6.62 3.39 -5.60
C ARG A 12 -6.71 4.26 -4.35
N GLN A 13 -7.85 4.22 -3.67
CA GLN A 13 -8.01 5.01 -2.45
C GLN A 13 -7.03 4.53 -1.37
N SER A 14 -6.90 3.22 -1.25
CA SER A 14 -6.00 2.63 -0.28
C SER A 14 -4.56 2.96 -0.58
N ALA A 15 -4.21 2.94 -1.85
CA ALA A 15 -2.84 3.27 -2.24
C ALA A 15 -2.54 4.73 -1.87
N PHE A 16 -3.46 5.63 -2.18
CA PHE A 16 -3.23 7.05 -1.84
C PHE A 16 -3.10 7.22 -0.35
N THR A 17 -3.92 6.52 0.42
CA THR A 17 -3.85 6.60 1.87
C THR A 17 -2.46 6.20 2.38
N LEU A 18 -1.88 5.14 1.83
CA LEU A 18 -0.56 4.71 2.29
C LEU A 18 0.51 5.71 1.87
N ILE A 19 0.40 6.22 0.65
CA ILE A 19 1.36 7.20 0.13
C ILE A 19 1.32 8.45 0.99
N ALA A 20 0.12 8.92 1.29
CA ALA A 20 -0.03 10.09 2.12
C ALA A 20 0.67 9.88 3.45
N ASN A 21 0.40 8.76 4.11
CA ASN A 21 0.99 8.53 5.41
C ASN A 21 2.52 8.52 5.40
N HIS A 22 3.11 7.77 4.49
CA HIS A 22 4.56 7.69 4.42
C HIS A 22 5.23 8.94 3.88
N PHE A 23 4.57 9.66 2.98
CA PHE A 23 5.15 10.88 2.45
C PHE A 23 5.14 11.89 3.59
N GLY A 24 4.09 11.84 4.39
CA GLY A 24 3.95 12.75 5.52
C GLY A 24 5.07 12.62 6.52
N ARG A 25 5.58 11.41 6.73
CA ARG A 25 6.67 11.24 7.67
C ARG A 25 7.95 11.90 7.15
N VAL A 26 8.18 11.86 5.85
CA VAL A 26 9.36 12.49 5.28
C VAL A 26 9.16 13.99 5.39
N ALA A 27 7.99 14.44 4.98
CA ALA A 27 7.66 15.85 5.02
C ALA A 27 7.92 16.46 6.41
N ALA A 28 7.45 15.81 7.46
CA ALA A 28 7.62 16.30 8.82
C ALA A 28 9.07 16.57 9.16
N MET A 29 9.96 15.72 8.68
CA MET A 29 11.39 15.88 8.92
C MET A 29 11.94 17.07 8.16
N ALA A 30 11.50 17.22 6.93
CA ALA A 30 11.97 18.30 6.06
C ALA A 30 11.47 19.68 6.45
N GLN A 31 10.31 19.73 7.10
CA GLN A 31 9.70 20.98 7.54
C GLN A 31 10.09 21.29 8.98
N GLY A 32 11.14 20.63 9.47
CA GLY A 32 11.59 20.86 10.83
C GLY A 32 10.59 20.51 11.92
N LYS A 33 9.67 19.59 11.64
CA LYS A 33 8.69 19.18 12.62
C LYS A 33 9.05 17.89 13.33
N ALA A 34 10.20 17.32 12.98
CA ALA A 34 10.61 16.09 13.61
C ALA A 34 12.07 15.90 13.31
N PRO A 35 12.79 15.20 14.18
CA PRO A 35 14.22 14.95 14.01
C PRO A 35 14.49 14.23 12.69
N PHE A 36 15.59 14.61 12.04
CA PHE A 36 15.96 14.00 10.78
C PHE A 36 16.76 12.73 10.96
N ASP A 37 16.47 11.74 10.12
CA ASP A 37 17.18 10.46 10.13
C ASP A 37 17.25 10.05 8.68
N ALA A 38 18.45 9.99 8.15
CA ALA A 38 18.64 9.62 6.76
C ALA A 38 18.11 8.22 6.43
N LYS A 39 18.33 7.25 7.32
CA LYS A 39 17.85 5.89 7.06
C LYS A 39 16.33 5.82 6.99
N VAL A 40 15.66 6.39 7.98
CA VAL A 40 14.19 6.39 8.00
C VAL A 40 13.62 7.22 6.85
N ALA A 41 14.24 8.36 6.55
CA ALA A 41 13.77 9.17 5.45
C ALA A 41 13.87 8.30 4.20
N ALA A 42 14.99 7.62 4.06
CA ALA A 42 15.23 6.74 2.92
C ALA A 42 14.19 5.64 2.79
N GLU A 43 13.88 4.97 3.90
CA GLU A 43 12.88 3.90 3.90
C GLU A 43 11.52 4.42 3.49
N ASN A 44 11.09 5.52 4.09
CA ASN A 44 9.80 6.07 3.77
C ASN A 44 9.74 6.52 2.32
N ILE A 45 10.84 7.07 1.81
CA ILE A 45 10.89 7.50 0.42
C ILE A 45 10.77 6.28 -0.50
N ALA A 46 11.44 5.19 -0.13
CA ALA A 46 11.35 3.97 -0.93
C ALA A 46 9.90 3.53 -1.02
N LEU A 47 9.21 3.51 0.11
CA LEU A 47 7.80 3.11 0.11
C LEU A 47 6.99 3.98 -0.85
N VAL A 48 7.16 5.29 -0.75
CA VAL A 48 6.40 6.22 -1.57
C VAL A 48 6.64 5.94 -3.04
N SER A 49 7.91 5.76 -3.38
CA SER A 49 8.32 5.50 -4.74
C SER A 49 7.60 4.26 -5.27
N THR A 50 7.77 3.14 -4.56
CA THR A 50 7.15 1.87 -4.92
C THR A 50 5.64 1.99 -5.11
N LEU A 51 4.97 2.57 -4.13
CA LEU A 51 3.53 2.73 -4.17
C LEU A 51 3.01 3.74 -5.20
N SER A 52 3.81 4.74 -5.56
CA SER A 52 3.39 5.77 -6.50
C SER A 52 2.93 5.23 -7.86
N LYS A 53 3.46 4.09 -8.26
CA LYS A 53 3.12 3.47 -9.54
C LYS A 53 1.72 2.85 -9.52
N LEU A 54 1.35 2.31 -8.36
CA LEU A 54 0.09 1.61 -8.12
C LEU A 54 -1.28 2.22 -8.42
N PRO A 55 -1.63 3.33 -7.74
CA PRO A 55 -2.94 3.92 -7.97
C PRO A 55 -3.27 4.39 -9.37
N LEU A 56 -2.25 4.76 -10.12
CA LEU A 56 -2.48 5.27 -11.45
C LEU A 56 -2.91 4.22 -12.48
N THR A 57 -2.96 2.97 -12.06
CA THR A 57 -3.39 1.90 -12.95
C THR A 57 -4.87 1.58 -12.72
N ALA A 58 -5.41 2.11 -11.62
CA ALA A 58 -6.79 1.88 -11.22
C ALA A 58 -7.78 2.97 -11.62
N PHE A 59 -7.55 3.64 -12.73
CA PHE A 59 -8.47 4.70 -13.17
C PHE A 59 -9.09 4.37 -14.53
N GLY A 60 -9.26 3.07 -14.80
CA GLY A 60 -9.83 2.63 -16.05
C GLY A 60 -11.25 3.08 -16.27
N PRO A 61 -11.77 2.94 -17.50
CA PRO A 61 -13.14 3.34 -17.82
C PRO A 61 -14.15 2.60 -16.95
N GLY A 62 -15.22 3.30 -16.58
CA GLY A 62 -16.23 2.68 -15.77
C GLY A 62 -15.99 2.76 -14.27
N THR A 63 -14.82 3.20 -13.85
CA THR A 63 -14.53 3.31 -12.43
C THR A 63 -14.88 4.71 -11.92
N ASP A 64 -15.83 5.34 -12.60
CA ASP A 64 -16.23 6.70 -12.27
C ASP A 64 -17.28 6.89 -11.18
N LYS A 65 -18.02 5.85 -10.84
CA LYS A 65 -19.04 6.02 -9.82
C LYS A 65 -19.13 4.85 -8.86
N GLY A 66 -19.54 5.16 -7.63
CA GLY A 66 -19.68 4.13 -6.62
C GLY A 66 -18.57 4.19 -5.59
N HIS A 67 -18.52 3.17 -4.74
CA HIS A 67 -17.55 3.01 -3.67
C HIS A 67 -17.02 4.32 -3.07
N GLY A 68 -17.89 5.33 -3.01
CA GLY A 68 -17.51 6.62 -2.45
C GLY A 68 -16.33 7.29 -3.13
N THR A 69 -16.22 7.13 -4.44
CA THR A 69 -15.12 7.74 -5.18
C THR A 69 -15.17 9.26 -5.15
N GLU A 70 -14.00 9.88 -5.07
CA GLU A 70 -13.89 11.34 -5.06
C GLU A 70 -13.22 11.86 -6.30
N ALA A 71 -13.06 11.00 -7.29
CA ALA A 71 -12.42 11.38 -8.54
C ALA A 71 -13.41 12.16 -9.39
N LYS A 72 -13.05 13.37 -9.77
CA LYS A 72 -13.93 14.16 -10.61
C LYS A 72 -14.04 13.55 -12.00
N PRO A 73 -15.18 13.74 -12.67
CA PRO A 73 -15.46 13.23 -14.01
C PRO A 73 -14.39 13.66 -15.02
N ALA A 74 -13.82 14.83 -14.77
CA ALA A 74 -12.77 15.39 -15.59
C ALA A 74 -11.61 14.42 -15.75
N VAL A 75 -11.52 13.47 -14.83
CA VAL A 75 -10.47 12.46 -14.86
C VAL A 75 -10.56 11.69 -16.18
N TRP A 76 -11.78 11.56 -16.68
CA TRP A 76 -12.00 10.84 -17.93
C TRP A 76 -12.22 11.77 -19.13
N SER A 77 -13.04 12.79 -18.96
CA SER A 77 -13.27 13.73 -20.05
C SER A 77 -11.99 14.47 -20.40
N ASP A 78 -11.18 14.79 -19.39
CA ASP A 78 -9.92 15.50 -19.60
C ASP A 78 -8.75 14.54 -19.39
N ALA A 79 -8.78 13.43 -20.12
CA ALA A 79 -7.76 12.41 -20.00
C ALA A 79 -6.34 12.91 -20.18
N ALA A 80 -6.14 13.77 -21.16
CA ALA A 80 -4.81 14.29 -21.43
C ALA A 80 -4.28 15.07 -20.23
N GLY A 81 -5.15 15.89 -19.65
CA GLY A 81 -4.78 16.69 -18.51
C GLY A 81 -4.38 15.79 -17.37
N PHE A 82 -5.15 14.74 -17.16
CA PHE A 82 -4.83 13.80 -16.10
C PHE A 82 -3.47 13.14 -16.33
N LYS A 83 -3.22 12.69 -17.56
CA LYS A 83 -1.93 12.06 -17.84
C LYS A 83 -0.84 13.10 -17.65
N ALA A 84 -1.19 14.37 -17.83
CA ALA A 84 -0.25 15.46 -17.68
C ALA A 84 0.12 15.61 -16.21
N ALA A 85 -0.89 15.58 -15.35
CA ALA A 85 -0.72 15.72 -13.90
C ALA A 85 0.02 14.52 -13.31
N ALA A 86 -0.26 13.34 -13.83
CA ALA A 86 0.37 12.12 -13.39
C ALA A 86 1.83 12.13 -13.77
N ASP A 87 2.14 12.67 -14.94
CA ASP A 87 3.51 12.72 -15.40
C ASP A 87 4.37 13.60 -14.53
N LYS A 88 3.80 14.72 -14.12
CA LYS A 88 4.52 15.64 -13.24
C LYS A 88 4.81 14.94 -11.92
N PHE A 89 3.79 14.29 -11.38
CA PHE A 89 3.92 13.56 -10.12
C PHE A 89 5.04 12.55 -10.20
N ALA A 90 5.10 11.83 -11.31
CA ALA A 90 6.13 10.81 -11.51
C ALA A 90 7.51 11.42 -11.46
N ALA A 91 7.68 12.55 -12.14
CA ALA A 91 8.97 13.21 -12.20
C ALA A 91 9.39 13.68 -10.82
N ALA A 92 8.43 14.21 -10.09
CA ALA A 92 8.70 14.69 -8.74
C ALA A 92 9.14 13.53 -7.88
N VAL A 93 8.46 12.40 -8.02
CA VAL A 93 8.83 11.22 -7.25
C VAL A 93 10.22 10.72 -7.61
N ASP A 94 10.61 10.84 -8.87
CA ASP A 94 11.95 10.41 -9.27
C ASP A 94 13.00 11.24 -8.56
N LYS A 95 12.70 12.53 -8.38
CA LYS A 95 13.62 13.42 -7.68
C LYS A 95 13.65 13.07 -6.20
N LEU A 96 12.48 12.79 -5.62
CA LEU A 96 12.39 12.43 -4.21
C LEU A 96 13.16 11.14 -3.98
N ASP A 97 13.04 10.23 -4.93
CA ASP A 97 13.73 8.97 -4.84
C ASP A 97 15.25 9.14 -4.88
N ALA A 98 15.71 10.03 -5.76
CA ALA A 98 17.14 10.33 -5.90
C ALA A 98 17.67 10.97 -4.64
N ALA A 99 16.87 11.85 -4.07
CA ALA A 99 17.23 12.55 -2.83
C ALA A 99 17.37 11.54 -1.73
N GLY A 100 16.45 10.58 -1.71
CA GLY A 100 16.49 9.57 -0.67
C GLY A 100 17.80 8.83 -0.73
N LYS A 101 18.28 8.61 -1.95
CA LYS A 101 19.54 7.90 -2.18
C LYS A 101 20.71 8.66 -1.61
N THR A 102 20.77 9.96 -1.81
CA THR A 102 21.91 10.72 -1.30
C THR A 102 21.91 10.95 0.21
N GLY A 103 20.72 11.06 0.79
CA GLY A 103 20.63 11.30 2.23
C GLY A 103 20.81 12.78 2.55
N ASP A 104 20.90 13.62 1.51
CA ASP A 104 21.11 15.07 1.66
C ASP A 104 19.83 15.79 2.06
N PHE A 105 19.83 16.37 3.26
CA PHE A 105 18.67 17.09 3.77
C PHE A 105 18.13 18.15 2.81
N ALA A 106 18.99 19.05 2.35
CA ALA A 106 18.56 20.09 1.43
C ALA A 106 17.91 19.50 0.19
N GLN A 107 18.52 18.46 -0.36
CA GLN A 107 17.99 17.83 -1.55
C GLN A 107 16.64 17.23 -1.25
N ILE A 108 16.53 16.57 -0.09
CA ILE A 108 15.25 15.95 0.31
C ILE A 108 14.16 17.01 0.50
N LYS A 109 14.47 18.07 1.24
CA LYS A 109 13.52 19.16 1.46
C LYS A 109 13.04 19.76 0.14
N ALA A 110 13.94 19.85 -0.83
CA ALA A 110 13.60 20.41 -2.13
C ALA A 110 12.64 19.47 -2.83
N ALA A 111 12.94 18.18 -2.80
CA ALA A 111 12.08 17.21 -3.44
C ALA A 111 10.73 17.03 -2.76
N VAL A 112 10.65 17.18 -1.43
CA VAL A 112 9.34 17.03 -0.82
C VAL A 112 8.43 18.21 -1.18
N GLY A 113 9.05 19.37 -1.40
CA GLY A 113 8.28 20.54 -1.77
C GLY A 113 7.68 20.35 -3.16
N GLU A 114 8.49 19.82 -4.06
CA GLU A 114 8.03 19.58 -5.42
C GLU A 114 6.95 18.53 -5.46
N THR A 115 7.17 17.40 -4.79
CA THR A 115 6.20 16.32 -4.73
C THR A 115 4.88 16.87 -4.16
N GLY A 116 4.97 17.58 -3.05
CA GLY A 116 3.76 18.13 -2.45
C GLY A 116 2.97 18.93 -3.47
N GLY A 117 3.68 19.76 -4.23
CA GLY A 117 3.01 20.58 -5.22
C GLY A 117 2.33 19.72 -6.25
N ALA A 118 2.94 18.61 -6.60
CA ALA A 118 2.36 17.70 -7.59
C ALA A 118 1.09 17.04 -7.07
N CYS A 119 1.00 16.84 -5.75
CA CYS A 119 -0.17 16.22 -5.17
C CYS A 119 -1.33 17.17 -5.30
N LYS A 120 -1.16 18.39 -4.78
CA LYS A 120 -2.19 19.42 -4.81
C LYS A 120 -2.57 19.81 -6.22
N GLY A 121 -1.59 19.91 -7.11
CA GLY A 121 -1.83 20.28 -8.49
C GLY A 121 -2.89 19.39 -9.10
N CYS A 122 -2.67 18.08 -9.01
CA CYS A 122 -3.61 17.11 -9.55
C CYS A 122 -4.94 17.19 -8.81
N HIS A 123 -4.88 17.28 -7.48
CA HIS A 123 -6.09 17.36 -6.68
C HIS A 123 -7.01 18.51 -7.04
N ASP A 124 -6.43 19.68 -7.27
CA ASP A 124 -7.21 20.87 -7.64
C ASP A 124 -8.07 20.62 -8.87
N LYS A 125 -7.43 20.07 -9.89
CA LYS A 125 -8.12 19.79 -11.14
C LYS A 125 -8.97 18.49 -11.20
N PHE A 126 -8.60 17.46 -10.43
CA PHE A 126 -9.34 16.22 -10.52
C PHE A 126 -9.91 15.56 -9.26
N LYS A 127 -9.92 16.22 -8.10
CA LYS A 127 -10.44 15.57 -6.91
C LYS A 127 -11.52 16.31 -6.13
N GLU A 128 -12.37 15.52 -5.48
CA GLU A 128 -13.50 15.94 -4.65
C GLU A 128 -14.84 15.91 -5.37
N GLN B 1 3.77 8.46 12.01
CA GLN B 1 2.79 7.74 12.88
C GLN B 1 1.36 8.16 12.57
N PHE B 2 0.44 7.93 13.50
CA PHE B 2 -0.96 8.27 13.28
C PHE B 2 -1.42 9.32 14.28
N GLN B 3 -1.88 10.46 13.75
CA GLN B 3 -2.36 11.56 14.57
C GLN B 3 -3.58 11.13 15.37
N LYS B 4 -4.57 10.58 14.68
CA LYS B 4 -5.79 10.11 15.33
C LYS B 4 -5.99 8.61 15.04
N PRO B 5 -6.78 7.92 15.89
CA PRO B 5 -7.10 6.49 15.79
C PRO B 5 -7.64 6.09 14.42
N GLY B 6 -8.55 6.92 13.90
CA GLY B 6 -9.13 6.67 12.60
C GLY B 6 -8.08 6.58 11.52
N ASP B 7 -6.95 7.26 11.73
CA ASP B 7 -5.86 7.23 10.77
C ASP B 7 -5.25 5.83 10.75
N ALA B 8 -5.13 5.23 11.93
CA ALA B 8 -4.56 3.90 12.06
C ALA B 8 -5.47 2.90 11.39
N ILE B 9 -6.76 3.00 11.69
CA ILE B 9 -7.75 2.09 11.14
C ILE B 9 -7.73 2.14 9.63
N GLU B 10 -7.79 3.34 9.06
CA GLU B 10 -7.76 3.51 7.61
C GLU B 10 -6.48 2.99 6.99
N TYR B 11 -5.38 3.20 7.70
CA TYR B 11 -4.09 2.77 7.20
C TYR B 11 -4.04 1.25 7.12
N ARG B 12 -4.38 0.56 8.21
CA ARG B 12 -4.31 -0.88 8.17
C ARG B 12 -5.30 -1.48 7.17
N GLN B 13 -6.50 -0.93 7.09
CA GLN B 13 -7.47 -1.45 6.14
C GLN B 13 -6.94 -1.26 4.72
N SER B 14 -6.31 -0.12 4.46
CA SER B 14 -5.76 0.15 3.13
C SER B 14 -4.61 -0.82 2.84
N ALA B 15 -3.80 -1.15 3.82
CA ALA B 15 -2.71 -2.08 3.60
C ALA B 15 -3.22 -3.48 3.26
N PHE B 16 -4.20 -3.97 4.03
CA PHE B 16 -4.74 -5.28 3.77
C PHE B 16 -5.36 -5.36 2.39
N THR B 17 -5.96 -4.29 1.93
CA THR B 17 -6.58 -4.27 0.61
C THR B 17 -5.54 -4.41 -0.49
N LEU B 18 -4.43 -3.71 -0.38
CA LEU B 18 -3.39 -3.78 -1.39
C LEU B 18 -2.80 -5.18 -1.36
N ILE B 19 -2.54 -5.69 -0.17
CA ILE B 19 -1.99 -7.02 0.01
C ILE B 19 -2.91 -8.06 -0.61
N ALA B 20 -4.19 -7.97 -0.31
CA ALA B 20 -5.16 -8.91 -0.83
C ALA B 20 -5.13 -8.93 -2.36
N ASN B 21 -5.11 -7.77 -2.97
CA ASN B 21 -5.12 -7.68 -4.41
C ASN B 21 -3.89 -8.31 -5.07
N HIS B 22 -2.71 -7.99 -4.58
CA HIS B 22 -1.50 -8.52 -5.18
C HIS B 22 -1.31 -9.98 -4.86
N PHE B 23 -1.64 -10.38 -3.65
CA PHE B 23 -1.50 -11.77 -3.27
C PHE B 23 -2.45 -12.57 -4.18
N GLY B 24 -3.63 -12.01 -4.42
CA GLY B 24 -4.59 -12.68 -5.25
C GLY B 24 -4.08 -12.96 -6.65
N ARG B 25 -3.25 -12.08 -7.21
CA ARG B 25 -2.74 -12.32 -8.55
C ARG B 25 -1.83 -13.55 -8.58
N VAL B 26 -1.07 -13.76 -7.51
CA VAL B 26 -0.19 -14.91 -7.44
C VAL B 26 -0.99 -16.19 -7.20
N ALA B 27 -2.01 -16.10 -6.36
CA ALA B 27 -2.85 -17.25 -6.08
C ALA B 27 -3.55 -17.75 -7.34
N ALA B 28 -3.93 -16.84 -8.24
CA ALA B 28 -4.62 -17.22 -9.48
C ALA B 28 -3.71 -18.03 -10.37
N MET B 29 -2.42 -17.70 -10.36
CA MET B 29 -1.44 -18.43 -11.16
C MET B 29 -1.28 -19.84 -10.57
N ALA B 30 -1.15 -19.90 -9.24
CA ALA B 30 -0.98 -21.15 -8.53
C ALA B 30 -2.16 -22.09 -8.76
N GLN B 31 -3.35 -21.52 -8.89
CA GLN B 31 -4.58 -22.28 -9.11
C GLN B 31 -4.77 -22.62 -10.59
N GLY B 32 -3.87 -22.13 -11.44
CA GLY B 32 -3.99 -22.39 -12.86
C GLY B 32 -5.08 -21.59 -13.55
N LYS B 33 -5.65 -20.61 -12.86
CA LYS B 33 -6.70 -19.77 -13.45
C LYS B 33 -6.09 -18.63 -14.28
N ALA B 34 -4.77 -18.53 -14.24
CA ALA B 34 -4.04 -17.51 -14.99
C ALA B 34 -2.70 -18.14 -15.39
N PRO B 35 -2.17 -17.78 -16.56
CA PRO B 35 -0.89 -18.34 -17.02
C PRO B 35 0.21 -17.97 -16.03
N PHE B 36 1.13 -18.89 -15.81
CA PHE B 36 2.24 -18.63 -14.90
C PHE B 36 3.33 -17.83 -15.59
N ASP B 37 3.80 -16.77 -14.92
CA ASP B 37 4.85 -15.92 -15.43
C ASP B 37 5.71 -15.62 -14.23
N ALA B 38 6.90 -16.19 -14.21
CA ALA B 38 7.82 -15.99 -13.10
C ALA B 38 8.09 -14.53 -12.77
N LYS B 39 8.31 -13.70 -13.78
CA LYS B 39 8.59 -12.29 -13.54
C LYS B 39 7.43 -11.59 -12.85
N VAL B 40 6.22 -11.80 -13.37
CA VAL B 40 5.05 -11.19 -12.79
C VAL B 40 4.74 -11.73 -11.40
N ALA B 41 4.91 -13.03 -11.21
CA ALA B 41 4.66 -13.61 -9.90
C ALA B 41 5.65 -12.97 -8.93
N ALA B 42 6.89 -12.83 -9.37
CA ALA B 42 7.96 -12.24 -8.55
C ALA B 42 7.64 -10.81 -8.13
N GLU B 43 7.21 -10.00 -9.08
CA GLU B 43 6.87 -8.62 -8.80
C GLU B 43 5.81 -8.57 -7.72
N ASN B 44 4.73 -9.30 -7.92
CA ASN B 44 3.62 -9.30 -6.99
C ASN B 44 3.95 -9.81 -5.61
N ILE B 45 4.80 -10.82 -5.54
CA ILE B 45 5.20 -11.37 -4.25
C ILE B 45 6.08 -10.35 -3.55
N ALA B 46 6.87 -9.63 -4.33
CA ALA B 46 7.74 -8.60 -3.79
C ALA B 46 6.87 -7.53 -3.14
N LEU B 47 5.81 -7.12 -3.82
CA LEU B 47 4.88 -6.12 -3.30
C LEU B 47 4.28 -6.61 -1.98
N VAL B 48 3.77 -7.84 -1.98
CA VAL B 48 3.17 -8.44 -0.79
C VAL B 48 4.15 -8.47 0.37
N SER B 49 5.40 -8.77 0.06
CA SER B 49 6.46 -8.85 1.05
C SER B 49 6.66 -7.48 1.71
N THR B 50 6.84 -6.45 0.89
CA THR B 50 7.02 -5.10 1.37
C THR B 50 5.83 -4.61 2.18
N LEU B 51 4.62 -4.83 1.67
CA LEU B 51 3.39 -4.39 2.33
C LEU B 51 3.04 -5.14 3.58
N SER B 52 3.40 -6.42 3.66
CA SER B 52 3.05 -7.26 4.80
C SER B 52 3.52 -6.77 6.17
N LYS B 53 4.58 -5.99 6.16
CA LYS B 53 5.14 -5.45 7.41
C LYS B 53 4.28 -4.32 7.96
N LEU B 54 3.70 -3.54 7.05
CA LEU B 54 2.90 -2.38 7.39
C LEU B 54 1.66 -2.42 8.30
N PRO B 55 0.59 -3.11 7.89
CA PRO B 55 -0.62 -3.17 8.70
C PRO B 55 -0.52 -3.53 10.15
N LEU B 56 0.47 -4.32 10.51
CA LEU B 56 0.62 -4.76 11.88
C LEU B 56 1.12 -3.67 12.84
N THR B 57 1.53 -2.54 12.30
CA THR B 57 2.01 -1.46 13.16
C THR B 57 0.89 -0.51 13.57
N ALA B 58 -0.29 -0.72 13.00
CA ALA B 58 -1.43 0.15 13.25
C ALA B 58 -2.52 -0.45 14.12
N PHE B 59 -2.12 -1.29 15.08
CA PHE B 59 -3.10 -1.89 15.98
C PHE B 59 -2.86 -1.44 17.40
N GLY B 60 -2.40 -0.20 17.54
CA GLY B 60 -2.13 0.31 18.86
C GLY B 60 -3.37 0.47 19.72
N PRO B 61 -3.18 0.81 20.99
CA PRO B 61 -4.30 1.01 21.93
C PRO B 61 -5.11 2.20 21.47
N GLY B 62 -6.43 2.11 21.62
CA GLY B 62 -7.30 3.19 21.20
C GLY B 62 -7.84 3.12 19.79
N THR B 63 -7.34 2.19 18.99
CA THR B 63 -7.77 2.05 17.59
C THR B 63 -8.84 0.98 17.45
N ASP B 64 -9.49 0.68 18.56
CA ASP B 64 -10.50 -0.35 18.61
C ASP B 64 -11.88 -0.05 18.02
N LYS B 65 -12.29 1.22 18.04
CA LYS B 65 -13.62 1.54 17.53
C LYS B 65 -13.65 2.70 16.56
N GLY B 66 -14.68 2.71 15.71
CA GLY B 66 -14.82 3.79 14.75
C GLY B 66 -14.34 3.45 13.36
N HIS B 67 -14.36 4.44 12.47
CA HIS B 67 -13.94 4.34 11.07
C HIS B 67 -14.21 2.99 10.39
N GLY B 68 -15.28 2.32 10.84
CA GLY B 68 -15.65 1.04 10.27
C GLY B 68 -14.69 -0.13 10.50
N THR B 69 -13.99 -0.14 11.63
CA THR B 69 -13.05 -1.21 11.89
C THR B 69 -13.75 -2.56 12.06
N GLU B 70 -13.12 -3.62 11.58
CA GLU B 70 -13.67 -4.96 11.71
C GLU B 70 -12.80 -5.77 12.63
N ALA B 71 -11.95 -5.09 13.39
CA ALA B 71 -11.06 -5.75 14.32
C ALA B 71 -11.79 -6.13 15.61
N LYS B 72 -11.85 -7.42 15.89
CA LYS B 72 -12.48 -7.89 17.11
C LYS B 72 -11.65 -7.44 18.29
N PRO B 73 -12.29 -7.17 19.43
CA PRO B 73 -11.65 -6.72 20.67
C PRO B 73 -10.53 -7.66 21.10
N ALA B 74 -10.67 -8.94 20.77
CA ALA B 74 -9.69 -9.94 21.13
C ALA B 74 -8.30 -9.57 20.62
N VAL B 75 -8.24 -8.72 19.61
CA VAL B 75 -6.95 -8.29 19.07
C VAL B 75 -6.08 -7.78 20.21
N TRP B 76 -6.72 -7.07 21.13
CA TRP B 76 -6.07 -6.47 22.30
C TRP B 76 -6.12 -7.33 23.58
N SER B 77 -7.31 -7.80 23.97
CA SER B 77 -7.45 -8.60 25.18
C SER B 77 -6.64 -9.90 25.14
N ASP B 78 -6.45 -10.45 23.94
CA ASP B 78 -5.68 -11.67 23.76
C ASP B 78 -4.50 -11.31 22.88
N ALA B 79 -3.79 -10.26 23.30
CA ALA B 79 -2.64 -9.78 22.57
C ALA B 79 -1.66 -10.88 22.23
N ALA B 80 -1.58 -11.90 23.09
CA ALA B 80 -0.68 -13.01 22.88
C ALA B 80 -1.07 -13.81 21.63
N GLY B 81 -2.37 -14.10 21.53
CA GLY B 81 -2.89 -14.82 20.39
C GLY B 81 -2.63 -14.03 19.12
N PHE B 82 -2.94 -12.75 19.15
CA PHE B 82 -2.72 -11.90 17.98
C PHE B 82 -1.25 -11.92 17.58
N LYS B 83 -0.36 -11.82 18.55
CA LYS B 83 1.07 -11.82 18.23
C LYS B 83 1.45 -13.10 17.51
N ALA B 84 0.86 -14.21 17.93
CA ALA B 84 1.16 -15.50 17.32
C ALA B 84 0.73 -15.57 15.86
N ALA B 85 -0.52 -15.20 15.58
CA ALA B 85 -1.07 -15.21 14.24
C ALA B 85 -0.24 -14.36 13.31
N ALA B 86 0.16 -13.19 13.82
CA ALA B 86 0.99 -12.28 13.04
C ALA B 86 2.32 -12.96 12.73
N ASP B 87 2.84 -13.72 13.69
CA ASP B 87 4.13 -14.41 13.51
C ASP B 87 4.05 -15.49 12.45
N LYS B 88 2.95 -16.25 12.48
CA LYS B 88 2.75 -17.29 11.49
C LYS B 88 2.75 -16.61 10.13
N PHE B 89 1.92 -15.57 10.00
CA PHE B 89 1.84 -14.83 8.76
C PHE B 89 3.21 -14.39 8.28
N ALA B 90 4.01 -13.81 9.17
CA ALA B 90 5.34 -13.32 8.80
C ALA B 90 6.23 -14.42 8.25
N ALA B 91 6.21 -15.57 8.92
CA ALA B 91 6.99 -16.71 8.52
C ALA B 91 6.55 -17.16 7.11
N ALA B 92 5.26 -17.39 6.93
CA ALA B 92 4.72 -17.79 5.63
C ALA B 92 5.14 -16.86 4.49
N VAL B 93 5.09 -15.56 4.73
CA VAL B 93 5.46 -14.57 3.71
C VAL B 93 6.93 -14.68 3.38
N ASP B 94 7.74 -15.06 4.36
CA ASP B 94 9.16 -15.21 4.12
C ASP B 94 9.33 -16.35 3.12
N LYS B 95 8.61 -17.43 3.34
CA LYS B 95 8.66 -18.56 2.44
C LYS B 95 8.20 -18.10 1.05
N LEU B 96 7.12 -17.33 1.00
CA LEU B 96 6.60 -16.85 -0.28
C LEU B 96 7.63 -15.96 -0.98
N ASP B 97 8.36 -15.17 -0.22
CA ASP B 97 9.36 -14.28 -0.77
C ASP B 97 10.49 -15.11 -1.41
N ALA B 98 10.96 -16.11 -0.69
CA ALA B 98 12.01 -16.99 -1.18
C ALA B 98 11.55 -17.67 -2.46
N ALA B 99 10.40 -18.34 -2.36
CA ALA B 99 9.82 -19.05 -3.50
C ALA B 99 9.77 -18.13 -4.71
N GLY B 100 9.42 -16.88 -4.47
CA GLY B 100 9.33 -15.93 -5.56
C GLY B 100 10.67 -15.72 -6.22
N LYS B 101 11.73 -15.72 -5.43
CA LYS B 101 13.08 -15.52 -5.95
C LYS B 101 13.54 -16.66 -6.85
N THR B 102 13.17 -17.88 -6.48
CA THR B 102 13.56 -19.07 -7.24
C THR B 102 12.80 -19.26 -8.54
N GLY B 103 11.60 -18.69 -8.66
CA GLY B 103 10.83 -18.84 -9.88
C GLY B 103 10.30 -20.25 -10.09
N ASP B 104 10.37 -21.07 -9.06
CA ASP B 104 9.90 -22.44 -9.15
C ASP B 104 8.41 -22.50 -8.81
N PHE B 105 7.59 -22.86 -9.80
CA PHE B 105 6.15 -22.96 -9.59
C PHE B 105 5.70 -23.78 -8.37
N ALA B 106 6.18 -25.01 -8.26
CA ALA B 106 5.80 -25.89 -7.15
C ALA B 106 6.06 -25.26 -5.79
N GLN B 107 7.15 -24.51 -5.69
CA GLN B 107 7.51 -23.85 -4.44
C GLN B 107 6.58 -22.68 -4.15
N ILE B 108 6.28 -21.91 -5.20
CA ILE B 108 5.39 -20.77 -5.12
C ILE B 108 3.98 -21.22 -4.71
N LYS B 109 3.47 -22.25 -5.37
CA LYS B 109 2.14 -22.77 -5.04
C LYS B 109 2.06 -23.21 -3.60
N ALA B 110 3.13 -23.81 -3.11
CA ALA B 110 3.20 -24.28 -1.74
C ALA B 110 3.19 -23.11 -0.78
N ALA B 111 3.95 -22.08 -1.11
CA ALA B 111 4.02 -20.87 -0.30
C ALA B 111 2.69 -20.14 -0.30
N VAL B 112 1.98 -20.09 -1.44
CA VAL B 112 0.72 -19.37 -1.38
C VAL B 112 -0.27 -20.15 -0.57
N GLY B 113 -0.16 -21.47 -0.56
CA GLY B 113 -1.11 -22.24 0.24
C GLY B 113 -0.92 -21.95 1.71
N GLU B 114 0.34 -21.84 2.11
CA GLU B 114 0.68 -21.60 3.49
C GLU B 114 0.26 -20.20 3.93
N THR B 115 0.64 -19.21 3.14
CA THR B 115 0.31 -17.83 3.42
C THR B 115 -1.20 -17.67 3.53
N GLY B 116 -1.92 -18.22 2.56
CA GLY B 116 -3.37 -18.14 2.57
C GLY B 116 -3.95 -18.66 3.86
N GLY B 117 -3.38 -19.74 4.37
CA GLY B 117 -3.88 -20.28 5.62
C GLY B 117 -3.61 -19.31 6.74
N ALA B 118 -2.50 -18.59 6.65
CA ALA B 118 -2.15 -17.63 7.67
C ALA B 118 -3.18 -16.49 7.69
N CYS B 119 -3.68 -16.10 6.52
CA CYS B 119 -4.67 -15.04 6.46
C CYS B 119 -5.92 -15.54 7.17
N LYS B 120 -6.43 -16.68 6.74
CA LYS B 120 -7.66 -17.27 7.31
C LYS B 120 -7.52 -17.53 8.80
N GLY B 121 -6.38 -18.07 9.20
CA GLY B 121 -6.15 -18.36 10.59
C GLY B 121 -6.36 -17.13 11.46
N CYS B 122 -5.71 -16.04 11.09
CA CYS B 122 -5.84 -14.82 11.87
C CYS B 122 -7.23 -14.25 11.76
N HIS B 123 -7.81 -14.32 10.58
CA HIS B 123 -9.15 -13.76 10.40
C HIS B 123 -10.20 -14.42 11.28
N ASP B 124 -10.18 -15.74 11.38
CA ASP B 124 -11.16 -16.47 12.17
C ASP B 124 -11.25 -15.97 13.61
N LYS B 125 -10.11 -15.79 14.25
CA LYS B 125 -10.09 -15.34 15.63
C LYS B 125 -10.17 -13.84 15.88
N PHE B 126 -9.70 -13.03 14.94
CA PHE B 126 -9.67 -11.59 15.18
C PHE B 126 -10.38 -10.63 14.25
N LYS B 127 -11.14 -11.11 13.27
CA LYS B 127 -11.82 -10.21 12.36
C LYS B 127 -13.31 -10.43 12.27
N GLU B 128 -14.03 -9.36 11.95
CA GLU B 128 -15.49 -9.30 11.80
C GLU B 128 -16.21 -8.93 13.06
#